data_6BLK
#
_entry.id   6BLK
#
_cell.length_a   40.410
_cell.length_b   61.630
_cell.length_c   67.220
_cell.angle_alpha   102.780
_cell.angle_beta   104.470
_cell.angle_gamma   109.080
#
_symmetry.space_group_name_H-M   'P 1'
#
loop_
_entity.id
_entity.type
_entity.pdbx_description
1 polymer 'Signal transduction histidine-protein kinase/phosphatase mprB'
2 non-polymer "ADENOSINE-5'-TRIPHOSPHATE"
3 non-polymer 'MAGNESIUM ION'
4 water water
#
_entity_poly.entity_id   1
_entity_poly.type   'polypeptide(L)'
_entity_poly.pdbx_seq_one_letter_code
;GAMVVHEPVDMTEVIDRSLERVRRRRSDIEFEVTVTPWQVIGDSSGLGRAVLNVLDNAAKWSPPGGRVGVRLYQIDPGHA
ELVITDQGPGIPPQERHLVFERFFRSASARSMPGSGLGLAIVKQVVLKHGGALRVDYADPAAQPPGTAIHIVLPGRPM
;
_entity_poly.pdbx_strand_id   C,D,A,B
#
# COMPACT_ATOMS: atom_id res chain seq x y z
N GLY A 1 -5.19 2.99 -0.89
CA GLY A 1 -6.14 3.70 -1.73
C GLY A 1 -6.95 4.72 -0.93
N ALA A 2 -7.94 5.35 -1.55
CA ALA A 2 -8.74 6.31 -0.81
C ALA A 2 -9.33 5.66 0.44
N MET A 3 -9.38 6.44 1.51
CA MET A 3 -10.05 6.02 2.73
C MET A 3 -11.46 5.51 2.44
N VAL A 4 -11.79 4.35 3.01
CA VAL A 4 -13.12 3.75 2.88
C VAL A 4 -13.90 4.12 4.13
N VAL A 5 -14.85 5.03 4.00
CA VAL A 5 -15.72 5.43 5.11
C VAL A 5 -16.92 4.48 5.13
N HIS A 6 -17.18 3.87 6.31
CA HIS A 6 -18.26 2.88 6.48
C HIS A 6 -18.95 3.26 7.79
N GLU A 7 -19.80 4.28 7.76
CA GLU A 7 -20.53 4.77 8.91
C GLU A 7 -22.00 4.94 8.60
N PRO A 8 -22.86 4.98 9.62
CA PRO A 8 -24.29 5.24 9.37
C PRO A 8 -24.51 6.62 8.79
N VAL A 9 -25.28 6.68 7.70
CA VAL A 9 -25.55 7.91 6.95
C VAL A 9 -27.07 8.13 6.90
N ASP A 10 -27.54 9.28 7.41
CA ASP A 10 -28.95 9.66 7.34
C ASP A 10 -29.24 10.30 5.99
N MET A 11 -30.00 9.63 5.13
CA MET A 11 -30.17 10.13 3.78
C MET A 11 -31.05 11.37 3.75
N THR A 12 -31.88 11.57 4.77
CA THR A 12 -32.65 12.81 4.83
C THR A 12 -31.73 14.00 4.98
N GLU A 13 -30.68 13.87 5.79
CA GLU A 13 -29.77 14.99 5.95
C GLU A 13 -28.92 15.18 4.70
N VAL A 14 -28.47 14.08 4.07
CA VAL A 14 -27.68 14.17 2.85
C VAL A 14 -28.46 14.93 1.78
N ILE A 15 -29.72 14.54 1.58
CA ILE A 15 -30.51 15.19 0.54
C ILE A 15 -30.79 16.64 0.91
N ASP A 16 -31.08 16.93 2.18
CA ASP A 16 -31.36 18.30 2.59
C ASP A 16 -30.15 19.20 2.37
N ARG A 17 -28.95 18.71 2.70
CA ARG A 17 -27.73 19.48 2.45
C ARG A 17 -27.53 19.72 0.96
N SER A 18 -27.67 18.66 0.16
CA SER A 18 -27.52 18.80 -1.28
C SER A 18 -28.52 19.80 -1.84
N LEU A 19 -29.76 19.78 -1.35
CA LEU A 19 -30.76 20.70 -1.86
C LEU A 19 -30.42 22.14 -1.52
N GLU A 20 -29.93 22.40 -0.30
CA GLU A 20 -29.58 23.77 0.07
C GLU A 20 -28.61 24.36 -0.94
N ARG A 21 -27.60 23.59 -1.34
CA ARG A 21 -26.63 24.07 -2.32
C ARG A 21 -27.30 24.45 -3.63
N VAL A 22 -28.14 23.57 -4.19
CA VAL A 22 -28.60 23.83 -5.54
C VAL A 22 -29.77 24.81 -5.60
N ARG A 23 -30.54 24.96 -4.52
CA ARG A 23 -31.60 25.96 -4.50
C ARG A 23 -31.04 27.35 -4.73
N ARG A 24 -29.77 27.56 -4.37
CA ARG A 24 -29.14 28.85 -4.60
C ARG A 24 -28.97 29.14 -6.08
N ARG A 25 -28.56 28.13 -6.86
CA ARG A 25 -28.26 28.32 -8.27
C ARG A 25 -29.51 28.49 -9.12
N ARG A 26 -30.67 28.00 -8.66
CA ARG A 26 -31.93 28.11 -9.42
C ARG A 26 -33.08 28.25 -8.42
N SER A 27 -33.25 29.46 -7.89
CA SER A 27 -34.30 29.72 -6.93
C SER A 27 -35.70 29.68 -7.53
N ASP A 28 -35.82 29.67 -8.86
CA ASP A 28 -37.12 29.56 -9.49
C ASP A 28 -37.70 28.15 -9.48
N ILE A 29 -36.87 27.13 -9.29
CA ILE A 29 -37.34 25.75 -9.44
C ILE A 29 -38.19 25.36 -8.25
N GLU A 30 -39.26 24.65 -8.53
CA GLU A 30 -40.12 24.14 -7.47
C GLU A 30 -39.61 22.74 -7.16
N PHE A 31 -38.80 22.61 -6.12
CA PHE A 31 -38.32 21.30 -5.69
C PHE A 31 -39.41 20.61 -4.89
N GLU A 32 -39.85 19.45 -5.37
CA GLU A 32 -40.91 18.68 -4.74
C GLU A 32 -40.26 17.48 -4.07
N VAL A 33 -40.16 17.53 -2.74
CA VAL A 33 -39.30 16.62 -1.99
C VAL A 33 -40.18 15.69 -1.17
N THR A 34 -39.98 14.40 -1.36
CA THR A 34 -40.70 13.38 -0.60
C THR A 34 -39.68 12.31 -0.23
N VAL A 35 -39.19 12.33 1.01
CA VAL A 35 -38.05 11.48 1.42
C VAL A 35 -38.46 10.66 2.62
N THR A 36 -38.60 9.34 2.44
CA THR A 36 -38.81 8.51 3.60
CA THR A 36 -38.78 8.44 3.55
C THR A 36 -37.47 8.33 4.35
N PRO A 37 -37.51 8.32 5.69
CA PRO A 37 -36.27 8.13 6.46
C PRO A 37 -35.57 6.82 6.11
N TRP A 38 -34.30 6.96 5.73
CA TRP A 38 -33.48 5.85 5.23
C TRP A 38 -32.03 6.03 5.65
N GLN A 39 -31.45 4.98 6.22
CA GLN A 39 -30.07 4.99 6.68
C GLN A 39 -29.25 4.06 5.79
N VAL A 40 -28.16 4.58 5.26
CA VAL A 40 -27.23 3.83 4.44
C VAL A 40 -25.90 3.77 5.20
N ILE A 41 -25.21 2.63 5.12
CA ILE A 41 -23.88 2.51 5.71
C ILE A 41 -22.88 2.89 4.63
N GLY A 42 -22.10 3.92 4.88
CA GLY A 42 -21.09 4.34 3.94
C GLY A 42 -20.50 5.69 4.25
N ASP A 43 -20.37 6.49 3.18
CA ASP A 43 -19.53 7.69 3.15
C ASP A 43 -20.46 8.86 2.87
N SER A 44 -20.78 9.66 3.91
CA SER A 44 -21.73 10.75 3.70
C SER A 44 -21.23 11.77 2.69
N SER A 45 -19.92 12.01 2.64
CA SER A 45 -19.39 12.99 1.70
C SER A 45 -19.56 12.50 0.26
N GLY A 46 -19.29 11.21 0.04
CA GLY A 46 -19.45 10.64 -1.28
C GLY A 46 -20.90 10.64 -1.72
N LEU A 47 -21.80 10.24 -0.82
CA LEU A 47 -23.22 10.23 -1.13
C LEU A 47 -23.72 11.63 -1.38
N GLY A 48 -23.25 12.59 -0.59
CA GLY A 48 -23.65 13.98 -0.81
C GLY A 48 -23.19 14.49 -2.17
N ARG A 49 -21.97 14.11 -2.56
CA ARG A 49 -21.46 14.49 -3.85
C ARG A 49 -22.31 13.89 -4.97
N ALA A 50 -22.71 12.63 -4.80
CA ALA A 50 -23.51 11.96 -5.81
C ALA A 50 -24.89 12.61 -5.94
N VAL A 51 -25.57 12.85 -4.83
CA VAL A 51 -26.89 13.47 -4.91
C VAL A 51 -26.78 14.88 -5.50
N LEU A 52 -25.81 15.66 -5.03
CA LEU A 52 -25.66 17.03 -5.55
C LEU A 52 -25.37 17.00 -7.05
N ASN A 53 -24.58 16.04 -7.53
CA ASN A 53 -24.31 16.01 -8.95
C ASN A 53 -25.57 15.75 -9.76
N VAL A 54 -26.46 14.89 -9.25
CA VAL A 54 -27.71 14.64 -9.97
C VAL A 54 -28.64 15.83 -9.87
N LEU A 55 -28.74 16.44 -8.69
CA LEU A 55 -29.58 17.63 -8.53
C LEU A 55 -29.07 18.75 -9.40
N ASP A 56 -27.75 18.89 -9.52
CA ASP A 56 -27.19 19.96 -10.33
C ASP A 56 -27.60 19.81 -11.79
N ASN A 57 -27.56 18.58 -12.34
CA ASN A 57 -28.00 18.35 -13.70
C ASN A 57 -29.47 18.65 -13.85
N ALA A 58 -30.27 18.23 -12.86
CA ALA A 58 -31.69 18.44 -12.95
C ALA A 58 -31.97 19.93 -13.03
N ALA A 59 -31.25 20.73 -12.25
CA ALA A 59 -31.44 22.17 -12.27
C ALA A 59 -30.94 22.78 -13.57
N LYS A 60 -29.79 22.34 -14.05
CA LYS A 60 -29.18 22.98 -15.22
C LYS A 60 -30.12 22.96 -16.40
N TRP A 61 -30.75 21.81 -16.63
CA TRP A 61 -31.59 21.61 -17.80
C TRP A 61 -33.08 21.73 -17.48
N SER A 62 -33.43 22.25 -16.33
CA SER A 62 -34.81 22.59 -15.99
C SER A 62 -35.22 23.85 -16.73
N PRO A 63 -36.43 23.89 -17.28
CA PRO A 63 -36.95 25.15 -17.80
C PRO A 63 -37.18 26.15 -16.69
N PRO A 64 -37.30 27.44 -17.02
CA PRO A 64 -37.62 28.41 -15.98
C PRO A 64 -38.93 28.04 -15.31
N GLY A 65 -38.93 28.09 -13.99
CA GLY A 65 -40.06 27.65 -13.20
C GLY A 65 -40.31 26.16 -13.20
N GLY A 66 -39.38 25.37 -13.72
CA GLY A 66 -39.57 23.93 -13.75
C GLY A 66 -39.66 23.32 -12.36
N ARG A 67 -40.24 22.14 -12.33
CA ARG A 67 -40.39 21.36 -11.12
C ARG A 67 -39.33 20.27 -11.15
N VAL A 68 -38.67 20.07 -10.02
CA VAL A 68 -37.73 18.97 -9.86
C VAL A 68 -38.24 18.11 -8.73
N GLY A 69 -38.44 16.82 -9.02
CA GLY A 69 -38.95 15.89 -8.04
C GLY A 69 -37.78 15.14 -7.41
N VAL A 70 -37.84 15.01 -6.09
CA VAL A 70 -36.79 14.34 -5.32
C VAL A 70 -37.52 13.38 -4.40
N ARG A 71 -37.54 12.11 -4.75
CA ARG A 71 -38.38 11.14 -4.08
C ARG A 71 -37.54 9.97 -3.63
N LEU A 72 -37.72 9.56 -2.39
CA LEU A 72 -37.00 8.42 -1.86
C LEU A 72 -38.02 7.55 -1.14
N TYR A 73 -38.22 6.34 -1.63
CA TYR A 73 -39.16 5.41 -1.05
C TYR A 73 -38.48 4.06 -0.87
N GLN A 74 -38.84 3.37 0.20
CA GLN A 74 -38.41 1.98 0.39
C GLN A 74 -39.10 1.09 -0.64
N ILE A 75 -38.35 0.17 -1.25
CA ILE A 75 -38.90 -0.73 -2.25
C ILE A 75 -38.84 -2.21 -1.85
N ASP A 76 -38.06 -2.59 -0.83
CA ASP A 76 -38.06 -3.92 -0.20
C ASP A 76 -37.43 -3.81 1.20
N PRO A 77 -37.38 -4.91 1.99
CA PRO A 77 -36.87 -4.78 3.36
C PRO A 77 -35.48 -4.20 3.48
N GLY A 78 -34.65 -4.30 2.43
CA GLY A 78 -33.30 -3.78 2.55
C GLY A 78 -32.90 -2.73 1.52
N HIS A 79 -33.85 -2.18 0.76
CA HIS A 79 -33.47 -1.22 -0.26
C HIS A 79 -34.49 -0.09 -0.40
N ALA A 80 -33.99 1.08 -0.81
CA ALA A 80 -34.82 2.21 -1.14
C ALA A 80 -34.34 2.77 -2.46
N GLU A 81 -35.22 3.50 -3.09
CA GLU A 81 -34.95 4.06 -4.40
C GLU A 81 -35.10 5.57 -4.32
N LEU A 82 -34.07 6.28 -4.78
CA LEU A 82 -34.08 7.73 -4.90
C LEU A 82 -34.32 8.03 -6.37
N VAL A 83 -35.34 8.82 -6.66
CA VAL A 83 -35.64 9.20 -8.03
C VAL A 83 -35.64 10.70 -8.09
N ILE A 84 -34.77 11.25 -8.92
CA ILE A 84 -34.68 12.70 -9.14
C ILE A 84 -35.13 13.00 -10.57
N THR A 85 -36.12 13.88 -10.70
CA THR A 85 -36.79 14.07 -11.96
C THR A 85 -36.82 15.56 -12.30
N ASP A 86 -36.80 15.83 -13.60
CA ASP A 86 -36.95 17.22 -14.07
C ASP A 86 -37.92 17.25 -15.24
N GLN A 87 -38.14 18.48 -15.75
CA GLN A 87 -39.00 18.75 -16.87
C GLN A 87 -38.20 19.26 -18.06
N GLY A 88 -36.94 18.85 -18.14
CA GLY A 88 -36.08 19.17 -19.23
C GLY A 88 -36.32 18.27 -20.42
N PRO A 89 -35.41 18.28 -21.38
CA PRO A 89 -35.66 17.56 -22.63
C PRO A 89 -35.65 16.05 -22.50
N GLY A 90 -35.08 15.50 -21.44
CA GLY A 90 -34.94 14.07 -21.31
C GLY A 90 -33.76 13.56 -22.12
N ILE A 91 -33.29 12.38 -21.72
CA ILE A 91 -32.21 11.70 -22.44
C ILE A 91 -32.84 10.56 -23.23
N PRO A 92 -32.71 10.54 -24.56
CA PRO A 92 -33.46 9.57 -25.37
C PRO A 92 -32.94 8.16 -25.19
N PRO A 93 -33.73 7.14 -25.56
CA PRO A 93 -33.33 5.76 -25.26
C PRO A 93 -31.98 5.35 -25.79
N GLN A 94 -31.59 5.78 -26.99
CA GLN A 94 -30.37 5.28 -27.62
C GLN A 94 -29.12 5.77 -26.90
N GLU A 95 -29.18 6.93 -26.25
CA GLU A 95 -28.06 7.50 -25.50
C GLU A 95 -27.95 6.97 -24.08
N ARG A 96 -28.95 6.24 -23.59
CA ARG A 96 -28.97 5.96 -22.16
C ARG A 96 -27.82 5.06 -21.71
N HIS A 97 -27.07 4.47 -22.67
CA HIS A 97 -25.88 3.66 -22.40
C HIS A 97 -24.58 4.48 -22.40
N LEU A 98 -24.61 5.75 -22.79
CA LEU A 98 -23.47 6.63 -22.58
C LEU A 98 -23.60 7.41 -21.29
N VAL A 99 -24.80 7.43 -20.71
CA VAL A 99 -24.98 8.14 -19.46
C VAL A 99 -24.20 7.39 -18.39
N PHE A 100 -23.51 8.14 -17.55
CA PHE A 100 -22.64 7.71 -16.48
C PHE A 100 -21.23 7.44 -17.01
N GLU A 101 -20.97 7.54 -18.32
CA GLU A 101 -19.60 7.47 -18.84
C GLU A 101 -18.99 8.87 -18.91
N ARG A 102 -17.72 8.97 -18.57
CA ARG A 102 -17.03 10.26 -18.69
C ARG A 102 -17.13 10.81 -20.11
N PHE A 103 -17.40 12.11 -20.17
CA PHE A 103 -17.35 12.92 -21.38
C PHE A 103 -18.56 12.68 -22.29
N PHE A 104 -19.60 12.05 -21.77
CA PHE A 104 -20.87 12.03 -22.50
C PHE A 104 -21.51 13.41 -22.53
N ARG A 105 -22.06 13.76 -23.70
CA ARG A 105 -22.81 15.01 -23.90
C ARG A 105 -24.00 14.69 -24.79
N SER A 106 -25.21 14.93 -24.29
CA SER A 106 -26.42 14.67 -25.05
C SER A 106 -26.67 15.76 -26.12
N ALA A 107 -26.95 15.32 -27.34
CA ALA A 107 -27.38 16.22 -28.40
C ALA A 107 -28.77 16.81 -28.14
N SER A 108 -29.56 16.19 -27.25
CA SER A 108 -30.91 16.68 -26.92
C SER A 108 -30.91 17.83 -25.92
N ALA A 109 -29.82 18.02 -25.20
CA ALA A 109 -29.73 18.99 -24.13
C ALA A 109 -28.84 20.14 -24.59
N ARG A 110 -29.22 21.36 -24.21
CA ARG A 110 -28.45 22.51 -24.68
C ARG A 110 -27.05 22.51 -24.07
N SER A 111 -26.08 22.97 -24.85
CA SER A 111 -24.69 22.92 -24.41
C SER A 111 -24.46 23.93 -23.29
N MET A 112 -23.86 23.44 -22.21
CA MET A 112 -23.59 24.21 -21.01
C MET A 112 -22.21 23.91 -20.49
N PRO A 113 -21.57 24.84 -19.80
CA PRO A 113 -20.25 24.57 -19.24
C PRO A 113 -20.30 23.35 -18.34
N GLY A 114 -19.23 22.57 -18.39
CA GLY A 114 -19.14 21.33 -17.66
C GLY A 114 -18.47 20.32 -18.56
N SER A 115 -17.57 19.51 -18.04
CA SER A 115 -16.79 18.64 -18.92
C SER A 115 -17.22 17.18 -18.88
N GLY A 116 -18.35 16.87 -18.26
CA GLY A 116 -18.92 15.54 -18.37
C GLY A 116 -18.33 14.53 -17.42
N LEU A 117 -18.10 14.93 -16.17
CA LEU A 117 -17.57 14.04 -15.16
C LEU A 117 -18.55 13.75 -14.04
N GLY A 118 -19.63 14.54 -13.89
CA GLY A 118 -20.48 14.45 -12.71
C GLY A 118 -21.16 13.09 -12.57
N LEU A 119 -21.68 12.56 -13.65
CA LEU A 119 -22.44 11.33 -13.54
C LEU A 119 -21.54 10.10 -13.46
N ALA A 120 -20.36 10.14 -14.06
CA ALA A 120 -19.38 9.09 -13.78
C ALA A 120 -19.05 8.99 -12.28
N ILE A 121 -18.94 10.12 -11.60
CA ILE A 121 -18.73 10.13 -10.15
C ILE A 121 -19.92 9.52 -9.44
N VAL A 122 -21.13 9.86 -9.88
CA VAL A 122 -22.34 9.30 -9.27
C VAL A 122 -22.31 7.77 -9.35
N LYS A 123 -22.07 7.22 -10.55
CA LYS A 123 -22.01 5.77 -10.72
C LYS A 123 -20.96 5.15 -9.80
N GLN A 124 -19.78 5.76 -9.67
CA GLN A 124 -18.76 5.20 -8.79
C GLN A 124 -19.23 5.15 -7.33
N VAL A 125 -19.78 6.25 -6.84
CA VAL A 125 -20.27 6.32 -5.46
C VAL A 125 -21.37 5.31 -5.24
N VAL A 126 -22.32 5.24 -6.17
CA VAL A 126 -23.44 4.34 -5.99
C VAL A 126 -22.96 2.90 -5.98
N LEU A 127 -22.07 2.53 -6.91
CA LEU A 127 -21.55 1.16 -6.89
C LEU A 127 -20.74 0.88 -5.63
N LYS A 128 -19.93 1.85 -5.17
CA LYS A 128 -19.15 1.60 -3.97
C LYS A 128 -20.03 1.35 -2.75
N HIS A 129 -21.27 1.82 -2.77
CA HIS A 129 -22.26 1.60 -1.72
C HIS A 129 -23.19 0.42 -1.99
N GLY A 130 -22.90 -0.41 -2.97
CA GLY A 130 -23.70 -1.53 -3.31
C GLY A 130 -25.01 -1.25 -3.96
N GLY A 131 -25.15 -0.08 -4.60
CA GLY A 131 -26.38 0.30 -5.22
C GLY A 131 -26.40 0.02 -6.71
N ALA A 132 -27.44 0.54 -7.36
CA ALA A 132 -27.65 0.41 -8.77
C ALA A 132 -28.32 1.68 -9.27
N LEU A 133 -28.12 1.96 -10.55
CA LEU A 133 -28.74 3.17 -11.08
C LEU A 133 -29.12 2.97 -12.53
N ARG A 134 -30.06 3.82 -12.94
CA ARG A 134 -30.54 3.76 -14.30
C ARG A 134 -31.14 5.11 -14.64
N VAL A 135 -31.36 5.31 -15.93
CA VAL A 135 -31.89 6.55 -16.46
C VAL A 135 -33.12 6.22 -17.28
N ASP A 136 -34.11 7.11 -17.24
CA ASP A 136 -35.36 6.91 -17.97
C ASP A 136 -35.96 8.30 -18.18
N TYR A 137 -37.09 8.35 -18.88
CA TYR A 137 -37.86 9.59 -18.94
C TYR A 137 -38.62 9.79 -17.63
N ALA A 138 -38.75 11.05 -17.22
CA ALA A 138 -39.56 11.36 -16.04
C ALA A 138 -41.06 11.18 -16.31
N ASP A 139 -41.53 11.58 -17.49
CA ASP A 139 -42.93 11.39 -17.87
C ASP A 139 -43.02 11.27 -19.38
N PRO A 140 -43.02 10.05 -19.91
CA PRO A 140 -43.03 9.87 -21.37
C PRO A 140 -44.22 10.49 -22.05
N ALA A 141 -45.32 10.72 -21.35
CA ALA A 141 -46.52 11.30 -21.94
C ALA A 141 -46.46 12.81 -22.01
N ALA A 142 -45.46 13.44 -21.39
CA ALA A 142 -45.37 14.88 -21.32
C ALA A 142 -44.40 15.42 -22.38
N GLN A 143 -44.58 16.70 -22.71
CA GLN A 143 -43.73 17.40 -23.67
C GLN A 143 -43.14 18.63 -22.99
N PRO A 144 -41.82 18.68 -22.74
CA PRO A 144 -40.88 17.57 -22.87
C PRO A 144 -41.07 16.50 -21.77
N PRO A 145 -40.42 15.35 -21.94
CA PRO A 145 -40.64 14.24 -21.00
C PRO A 145 -39.80 14.33 -19.73
N GLY A 146 -38.70 15.08 -19.75
CA GLY A 146 -37.82 15.22 -18.60
C GLY A 146 -36.99 13.97 -18.41
N THR A 147 -35.96 14.07 -17.60
CA THR A 147 -35.09 12.95 -17.21
C THR A 147 -35.42 12.50 -15.80
N ALA A 148 -35.35 11.18 -15.60
CA ALA A 148 -35.45 10.57 -14.29
C ALA A 148 -34.18 9.78 -14.08
N ILE A 149 -33.44 10.11 -13.01
CA ILE A 149 -32.32 9.30 -12.57
C ILE A 149 -32.80 8.50 -11.38
N HIS A 150 -32.67 7.17 -11.45
CA HIS A 150 -33.15 6.25 -10.42
C HIS A 150 -31.92 5.62 -9.76
N ILE A 151 -31.82 5.76 -8.43
CA ILE A 151 -30.72 5.22 -7.64
C ILE A 151 -31.29 4.33 -6.55
N VAL A 152 -30.88 3.06 -6.57
CA VAL A 152 -31.26 2.12 -5.54
C VAL A 152 -30.11 2.01 -4.56
N LEU A 153 -30.41 2.15 -3.25
CA LEU A 153 -29.41 2.13 -2.18
C LEU A 153 -29.80 1.09 -1.15
N PRO A 154 -28.93 0.17 -0.78
CA PRO A 154 -29.22 -0.69 0.35
C PRO A 154 -29.20 0.11 1.64
N GLY A 155 -30.01 -0.33 2.60
CA GLY A 155 -29.98 0.32 3.90
C GLY A 155 -31.13 -0.17 4.76
N ARG A 156 -31.55 0.70 5.67
CA ARG A 156 -32.62 0.34 6.58
C ARG A 156 -33.53 1.53 6.86
N PRO A 157 -34.81 1.27 7.11
CA PRO A 157 -35.69 2.35 7.51
C PRO A 157 -35.30 2.89 8.87
N MET A 158 -35.44 4.19 9.04
CA MET A 158 -35.11 4.81 10.30
C MET A 158 -36.40 5.17 11.04
N GLU B 7 26.10 -29.24 8.13
CA GLU B 7 26.79 -29.73 6.92
C GLU B 7 28.03 -28.88 6.64
N PRO B 8 29.03 -29.45 5.95
CA PRO B 8 30.21 -28.63 5.57
C PRO B 8 29.82 -27.53 4.59
N VAL B 9 30.29 -26.31 4.86
CA VAL B 9 29.98 -25.13 4.06
C VAL B 9 31.28 -24.47 3.62
N ASP B 10 31.45 -24.32 2.31
CA ASP B 10 32.59 -23.64 1.70
C ASP B 10 32.36 -22.12 1.70
N MET B 11 33.06 -21.38 2.56
CA MET B 11 32.79 -19.96 2.73
C MET B 11 33.15 -19.17 1.49
N THR B 12 34.10 -19.68 0.70
CA THR B 12 34.41 -19.01 -0.57
C THR B 12 33.17 -18.98 -1.45
N GLU B 13 32.42 -20.07 -1.49
CA GLU B 13 31.23 -20.10 -2.35
C GLU B 13 30.11 -19.25 -1.77
N VAL B 14 29.93 -19.27 -0.44
CA VAL B 14 28.92 -18.45 0.20
C VAL B 14 29.18 -16.98 -0.07
N ILE B 15 30.44 -16.58 0.00
CA ILE B 15 30.78 -15.18 -0.18
C ILE B 15 30.61 -14.79 -1.65
N ASP B 16 31.07 -15.65 -2.56
CA ASP B 16 30.91 -15.35 -3.98
C ASP B 16 29.44 -15.17 -4.35
N ARG B 17 28.58 -16.09 -3.90
CA ARG B 17 27.15 -15.99 -4.18
C ARG B 17 26.55 -14.72 -3.60
N SER B 18 26.91 -14.39 -2.37
CA SER B 18 26.44 -13.14 -1.77
C SER B 18 26.93 -11.94 -2.55
N LEU B 19 28.17 -11.95 -3.02
CA LEU B 19 28.69 -10.80 -3.74
C LEU B 19 28.00 -10.63 -5.09
N GLU B 20 27.80 -11.72 -5.83
CA GLU B 20 27.08 -11.62 -7.11
C GLU B 20 25.76 -10.87 -6.90
N ARG B 21 25.03 -11.28 -5.87
CA ARG B 21 23.71 -10.72 -5.56
C ARG B 21 23.78 -9.27 -5.10
N VAL B 22 24.94 -8.79 -4.67
CA VAL B 22 25.09 -7.40 -4.22
C VAL B 22 25.68 -6.51 -5.30
N ARG B 23 26.60 -7.04 -6.11
CA ARG B 23 27.18 -6.25 -7.18
C ARG B 23 26.13 -5.72 -8.13
N ARG B 24 24.95 -6.36 -8.18
CA ARG B 24 23.89 -5.93 -9.08
C ARG B 24 23.39 -4.54 -8.71
N ARG B 25 23.24 -4.28 -7.41
CA ARG B 25 22.57 -3.07 -6.97
C ARG B 25 23.48 -1.84 -6.91
N ARG B 26 24.81 -2.04 -6.87
CA ARG B 26 25.79 -0.94 -6.84
C ARG B 26 27.00 -1.44 -7.64
N SER B 27 26.93 -1.27 -8.97
CA SER B 27 28.02 -1.73 -9.83
C SER B 27 29.22 -0.79 -9.83
N ASP B 28 29.11 0.37 -9.21
CA ASP B 28 30.22 1.30 -9.12
C ASP B 28 31.19 0.98 -7.99
N ILE B 29 30.83 0.06 -7.10
CA ILE B 29 31.64 -0.19 -5.91
C ILE B 29 32.83 -1.07 -6.28
N GLU B 30 33.99 -0.72 -5.74
CA GLU B 30 35.20 -1.52 -5.91
C GLU B 30 35.21 -2.54 -4.78
N PHE B 31 34.67 -3.74 -5.04
CA PHE B 31 34.71 -4.81 -4.04
C PHE B 31 36.10 -5.42 -4.04
N GLU B 32 36.84 -5.26 -2.93
CA GLU B 32 38.18 -5.79 -2.83
C GLU B 32 38.11 -7.05 -1.97
N VAL B 33 38.34 -8.21 -2.59
CA VAL B 33 37.96 -9.50 -2.01
C VAL B 33 39.22 -10.32 -1.80
N THR B 34 39.45 -10.71 -0.56
CA THR B 34 40.62 -11.52 -0.19
C THR B 34 40.10 -12.59 0.76
N VAL B 35 39.88 -13.80 0.24
CA VAL B 35 39.21 -14.83 1.03
C VAL B 35 40.06 -16.08 1.07
N THR B 36 40.58 -16.39 2.25
CA THR B 36 41.29 -17.65 2.39
CA THR B 36 41.29 -17.64 2.46
C THR B 36 40.28 -18.78 2.47
N PRO B 37 40.60 -19.93 1.88
CA PRO B 37 39.68 -21.08 1.91
C PRO B 37 39.37 -21.52 3.34
N TRP B 38 38.07 -21.54 3.65
CA TRP B 38 37.61 -21.85 5.00
C TRP B 38 36.31 -22.63 4.94
N GLN B 39 36.26 -23.75 5.65
CA GLN B 39 35.06 -24.57 5.74
C GLN B 39 34.44 -24.44 7.13
N VAL B 40 33.16 -24.10 7.19
CA VAL B 40 32.39 -24.02 8.43
C VAL B 40 31.35 -25.14 8.43
N ILE B 41 31.07 -25.70 9.61
CA ILE B 41 29.99 -26.68 9.74
C ILE B 41 28.74 -25.94 10.14
N GLY B 42 27.74 -25.99 9.27
CA GLY B 42 26.49 -25.30 9.51
C GLY B 42 25.51 -25.27 8.36
N ASP B 43 24.83 -24.13 8.22
CA ASP B 43 23.67 -23.95 7.36
C ASP B 43 24.06 -22.93 6.29
N SER B 44 24.26 -23.41 5.05
CA SER B 44 24.68 -22.52 3.98
C SER B 44 23.69 -21.40 3.75
N SER B 45 22.39 -21.70 3.84
CA SER B 45 21.39 -20.69 3.54
C SER B 45 21.45 -19.57 4.55
N GLY B 46 21.58 -19.94 5.83
CA GLY B 46 21.71 -18.97 6.89
C GLY B 46 22.99 -18.16 6.79
N LEU B 47 24.12 -18.83 6.50
CA LEU B 47 25.37 -18.11 6.37
C LEU B 47 25.31 -17.13 5.22
N GLY B 48 24.67 -17.52 4.12
CA GLY B 48 24.58 -16.64 2.98
C GLY B 48 23.71 -15.45 3.30
N ARG B 49 22.63 -15.69 4.05
CA ARG B 49 21.77 -14.60 4.44
C ARG B 49 22.52 -13.61 5.31
N ALA B 50 23.36 -14.13 6.20
CA ALA B 50 24.12 -13.27 7.10
C ALA B 50 25.13 -12.44 6.33
N VAL B 51 25.91 -13.07 5.45
CA VAL B 51 26.92 -12.34 4.68
C VAL B 51 26.26 -11.30 3.78
N LEU B 52 25.20 -11.70 3.07
CA LEU B 52 24.50 -10.76 2.20
C LEU B 52 23.99 -9.56 2.99
N ASN B 53 23.42 -9.79 4.18
CA ASN B 53 22.92 -8.66 4.96
C ASN B 53 24.05 -7.68 5.31
N VAL B 54 25.24 -8.18 5.65
CA VAL B 54 26.36 -7.29 5.94
C VAL B 54 26.84 -6.58 4.68
N LEU B 55 27.00 -7.32 3.57
CA LEU B 55 27.35 -6.72 2.29
C LEU B 55 26.35 -5.68 1.85
N ASP B 56 25.05 -5.97 2.03
CA ASP B 56 24.03 -5.00 1.63
C ASP B 56 24.16 -3.68 2.40
N ASN B 57 24.43 -3.73 3.72
CA ASN B 57 24.63 -2.49 4.45
C ASN B 57 25.85 -1.75 3.94
N ALA B 58 26.92 -2.48 3.68
CA ALA B 58 28.16 -1.83 3.26
C ALA B 58 27.93 -1.11 1.95
N ALA B 59 27.15 -1.73 1.06
CA ALA B 59 26.82 -1.10 -0.21
C ALA B 59 25.89 0.09 -0.02
N LYS B 60 24.87 -0.05 0.82
CA LYS B 60 23.86 1.01 0.99
C LYS B 60 24.51 2.31 1.39
N TRP B 61 25.48 2.24 2.28
CA TRP B 61 26.06 3.44 2.86
C TRP B 61 27.43 3.75 2.29
N SER B 62 27.82 3.07 1.21
CA SER B 62 29.05 3.40 0.49
C SER B 62 28.84 4.68 -0.29
N PRO B 63 29.83 5.56 -0.33
CA PRO B 63 29.75 6.71 -1.24
C PRO B 63 29.79 6.24 -2.68
N PRO B 64 29.41 7.09 -3.62
CA PRO B 64 29.62 6.76 -5.03
C PRO B 64 31.10 6.47 -5.30
N GLY B 65 31.36 5.35 -5.96
CA GLY B 65 32.71 4.90 -6.22
C GLY B 65 33.41 4.28 -5.04
N GLY B 66 32.70 4.04 -3.96
CA GLY B 66 33.30 3.56 -2.74
C GLY B 66 33.89 2.17 -2.90
N ARG B 67 34.85 1.88 -2.06
CA ARG B 67 35.47 0.56 -1.95
C ARG B 67 34.82 -0.19 -0.79
N VAL B 68 34.53 -1.46 -1.03
CA VAL B 68 34.06 -2.35 0.03
C VAL B 68 35.06 -3.49 0.14
N GLY B 69 35.62 -3.68 1.34
CA GLY B 69 36.61 -4.72 1.56
C GLY B 69 35.91 -5.95 2.12
N VAL B 70 36.28 -7.10 1.58
CA VAL B 70 35.71 -8.38 2.01
C VAL B 70 36.91 -9.29 2.24
N ARG B 71 37.24 -9.51 3.50
CA ARG B 71 38.50 -10.16 3.87
C ARG B 71 38.18 -11.30 4.82
N LEU B 72 38.71 -12.48 4.51
CA LEU B 72 38.59 -13.61 5.42
C LEU B 72 39.98 -14.21 5.58
N TYR B 73 40.48 -14.22 6.81
CA TYR B 73 41.78 -14.78 7.15
C TYR B 73 41.64 -15.69 8.35
N GLN B 74 42.43 -16.75 8.37
CA GLN B 74 42.51 -17.61 9.54
C GLN B 74 43.21 -16.85 10.68
N ILE B 75 42.66 -16.95 11.90
CA ILE B 75 43.27 -16.27 13.04
C ILE B 75 43.83 -17.21 14.09
N ASP B 76 43.41 -18.49 14.14
CA ASP B 76 44.01 -19.53 14.98
C ASP B 76 43.68 -20.89 14.38
N PRO B 77 44.15 -22.01 14.96
CA PRO B 77 43.95 -23.29 14.29
C PRO B 77 42.51 -23.60 13.98
N GLY B 78 41.57 -23.02 14.73
CA GLY B 78 40.18 -23.39 14.55
C GLY B 78 39.24 -22.24 14.21
N HIS B 79 39.77 -21.07 13.91
CA HIS B 79 38.91 -19.92 13.66
C HIS B 79 39.44 -19.03 12.54
N ALA B 80 38.50 -18.43 11.83
CA ALA B 80 38.79 -17.41 10.85
C ALA B 80 37.89 -16.21 11.11
N GLU B 81 38.33 -15.08 10.58
CA GLU B 81 37.65 -13.81 10.79
C GLU B 81 37.32 -13.22 9.43
N LEU B 82 36.03 -12.93 9.23
CA LEU B 82 35.51 -12.23 8.07
C LEU B 82 35.35 -10.76 8.48
N VAL B 83 35.98 -9.88 7.73
CA VAL B 83 35.85 -8.45 7.97
C VAL B 83 35.32 -7.83 6.70
N ILE B 84 34.18 -7.16 6.81
CA ILE B 84 33.57 -6.42 5.71
C ILE B 84 33.61 -4.93 6.04
N THR B 85 34.23 -4.17 5.14
CA THR B 85 34.49 -2.76 5.42
C THR B 85 33.93 -1.89 4.31
N ASP B 86 33.59 -0.66 4.70
CA ASP B 86 33.15 0.34 3.73
C ASP B 86 33.80 1.69 4.06
N GLN B 87 33.53 2.67 3.18
CA GLN B 87 33.99 4.05 3.33
C GLN B 87 32.82 4.99 3.65
N GLY B 88 31.79 4.47 4.29
CA GLY B 88 30.67 5.26 4.71
C GLY B 88 30.94 5.99 6.00
N PRO B 89 29.91 6.49 6.67
CA PRO B 89 30.13 7.37 7.82
C PRO B 89 30.65 6.67 9.06
N GLY B 90 30.48 5.36 9.15
CA GLY B 90 30.86 4.64 10.32
C GLY B 90 29.77 4.68 11.38
N ILE B 91 29.93 3.82 12.36
CA ILE B 91 29.02 3.77 13.51
C ILE B 91 29.83 4.19 14.72
N PRO B 92 29.47 5.27 15.42
CA PRO B 92 30.33 5.80 16.47
C PRO B 92 30.33 4.90 17.71
N PRO B 93 31.33 5.02 18.59
CA PRO B 93 31.49 4.05 19.66
C PRO B 93 30.29 3.92 20.57
N GLN B 94 29.56 5.01 20.83
CA GLN B 94 28.47 4.92 21.79
C GLN B 94 27.31 4.07 21.28
N GLU B 95 27.18 3.93 19.96
CA GLU B 95 26.09 3.17 19.36
C GLU B 95 26.46 1.72 19.10
N ARG B 96 27.71 1.30 19.34
CA ARG B 96 28.19 0.04 18.78
C ARG B 96 27.55 -1.16 19.44
N HIS B 97 27.18 -1.06 20.72
CA HIS B 97 26.52 -2.18 21.38
C HIS B 97 25.06 -2.34 20.92
N LEU B 98 24.43 -1.26 20.43
CA LEU B 98 23.05 -1.23 19.90
C LEU B 98 22.93 -1.76 18.47
N VAL B 99 24.06 -1.87 17.78
CA VAL B 99 24.10 -2.58 16.52
C VAL B 99 23.77 -4.05 16.83
N PHE B 100 23.10 -4.68 15.88
CA PHE B 100 22.63 -6.05 15.91
C PHE B 100 21.32 -6.15 16.70
N GLU B 101 20.81 -5.07 17.30
CA GLU B 101 19.47 -5.10 17.90
C GLU B 101 18.42 -4.71 16.87
N ARG B 102 17.26 -5.35 16.93
CA ARG B 102 16.20 -5.01 15.99
C ARG B 102 15.79 -3.55 16.14
N PHE B 103 15.61 -2.90 14.99
CA PHE B 103 15.07 -1.55 14.87
C PHE B 103 16.08 -0.48 15.22
N PHE B 104 17.38 -0.83 15.29
CA PHE B 104 18.42 0.19 15.47
C PHE B 104 18.52 1.03 14.20
N ARG B 105 18.73 2.33 14.38
CA ARG B 105 18.93 3.25 13.27
C ARG B 105 19.95 4.29 13.70
N SER B 106 21.08 4.36 13.00
CA SER B 106 22.14 5.28 13.36
C SER B 106 21.79 6.71 12.89
N ALA B 107 21.96 7.67 13.79
CA ALA B 107 21.80 9.08 13.44
C ALA B 107 22.92 9.59 12.54
N SER B 108 24.00 8.82 12.39
CA SER B 108 25.15 9.22 11.58
C SER B 108 25.03 8.82 10.12
N ALA B 109 24.09 7.94 9.79
CA ALA B 109 23.97 7.37 8.46
C ALA B 109 22.68 7.86 7.81
N ARG B 110 22.76 8.14 6.52
CA ARG B 110 21.60 8.68 5.82
C ARG B 110 20.41 7.73 5.97
N SER B 111 19.24 8.30 6.17
CA SER B 111 18.01 7.50 6.28
C SER B 111 17.66 6.87 4.94
N MET B 112 17.48 5.56 4.95
CA MET B 112 17.22 4.77 3.76
C MET B 112 16.11 3.78 4.06
N PRO B 113 15.36 3.37 3.03
CA PRO B 113 14.38 2.29 3.22
C PRO B 113 15.05 1.10 3.88
N GLY B 114 14.40 0.58 4.92
CA GLY B 114 14.92 -0.54 5.66
C GLY B 114 14.23 -0.65 6.99
N SER B 115 13.79 -1.87 7.31
CA SER B 115 13.01 -2.15 8.51
C SER B 115 13.85 -2.29 9.79
N GLY B 116 15.17 -2.39 9.70
CA GLY B 116 16.02 -2.52 10.88
C GLY B 116 16.13 -3.93 11.39
N LEU B 117 16.12 -4.91 10.49
CA LEU B 117 16.13 -6.29 10.88
C LEU B 117 17.37 -7.04 10.45
N GLY B 118 18.14 -6.52 9.48
CA GLY B 118 19.20 -7.32 8.86
C GLY B 118 20.28 -7.75 9.83
N LEU B 119 20.72 -6.87 10.70
CA LEU B 119 21.86 -7.20 11.53
C LEU B 119 21.43 -8.08 12.71
N ALA B 120 20.21 -7.94 13.21
CA ALA B 120 19.73 -8.90 14.20
C ALA B 120 19.79 -10.32 13.64
N ILE B 121 19.44 -10.48 12.36
CA ILE B 121 19.52 -11.76 11.69
C ILE B 121 20.98 -12.23 11.64
N VAL B 122 21.89 -11.32 11.29
CA VAL B 122 23.31 -11.68 11.23
C VAL B 122 23.78 -12.25 12.57
N LYS B 123 23.47 -11.54 13.66
CA LYS B 123 23.87 -12.00 14.98
C LYS B 123 23.29 -13.38 15.29
N GLN B 124 22.02 -13.61 14.99
CA GLN B 124 21.45 -14.93 15.26
C GLN B 124 22.20 -16.01 14.50
N VAL B 125 22.42 -15.80 13.21
CA VAL B 125 23.13 -16.79 12.39
C VAL B 125 24.52 -17.04 12.95
N VAL B 126 25.26 -15.99 13.24
CA VAL B 126 26.63 -16.14 13.72
C VAL B 126 26.66 -16.90 15.03
N LEU B 127 25.79 -16.53 15.97
CA LEU B 127 25.76 -17.24 17.25
C LEU B 127 25.36 -18.70 17.07
N LYS B 128 24.43 -18.97 16.16
CA LYS B 128 23.99 -20.35 15.93
C LYS B 128 25.16 -21.20 15.45
N HIS B 129 26.15 -20.57 14.80
CA HIS B 129 27.35 -21.22 14.30
C HIS B 129 28.55 -21.13 15.25
N GLY B 130 28.32 -20.74 16.51
CA GLY B 130 29.37 -20.64 17.49
C GLY B 130 30.35 -19.54 17.27
N GLY B 131 29.99 -18.52 16.49
CA GLY B 131 30.89 -17.44 16.19
C GLY B 131 30.70 -16.26 17.12
N ALA B 132 31.30 -15.15 16.72
CA ALA B 132 31.31 -13.93 17.48
C ALA B 132 31.36 -12.79 16.49
N LEU B 133 30.82 -11.64 16.90
CA LEU B 133 30.85 -10.51 15.98
C LEU B 133 31.07 -9.23 16.76
N ARG B 134 31.64 -8.26 16.03
CA ARG B 134 32.18 -7.02 16.54
C ARG B 134 31.87 -5.95 15.49
N VAL B 135 31.68 -4.70 15.95
CA VAL B 135 31.61 -3.54 15.05
C VAL B 135 32.69 -2.56 15.47
N ASP B 136 33.37 -1.95 14.48
CA ASP B 136 34.42 -0.97 14.72
C ASP B 136 34.44 0.00 13.53
N TYR B 137 35.31 1.01 13.59
CA TYR B 137 35.61 1.80 12.39
C TYR B 137 36.48 0.98 11.45
N ALA B 138 36.31 1.19 10.13
CA ALA B 138 37.20 0.56 9.16
C ALA B 138 38.58 1.24 9.12
N ASP B 139 38.63 2.55 9.19
CA ASP B 139 39.90 3.27 9.30
C ASP B 139 39.67 4.49 10.16
N PRO B 140 39.99 4.42 11.45
CA PRO B 140 39.75 5.57 12.33
C PRO B 140 40.46 6.84 11.90
N ALA B 141 41.53 6.74 11.10
CA ALA B 141 42.34 7.90 10.73
C ALA B 141 41.84 8.54 9.45
N ALA B 142 40.83 7.98 8.81
CA ALA B 142 40.26 8.49 7.58
C ALA B 142 38.97 9.26 7.89
N GLN B 143 38.65 10.19 6.99
CA GLN B 143 37.38 10.89 7.05
C GLN B 143 36.66 10.68 5.71
N PRO B 144 35.50 9.98 5.67
CA PRO B 144 34.86 9.30 6.79
C PRO B 144 35.61 7.99 7.15
N PRO B 145 35.41 7.50 8.38
CA PRO B 145 36.18 6.33 8.84
C PRO B 145 35.63 5.00 8.37
N GLY B 146 34.40 4.96 7.89
CA GLY B 146 33.79 3.71 7.43
C GLY B 146 33.45 2.78 8.58
N THR B 147 32.65 1.76 8.29
CA THR B 147 32.28 0.73 9.26
C THR B 147 33.03 -0.56 8.93
N ALA B 148 33.47 -1.26 9.98
CA ALA B 148 34.03 -2.60 9.83
C ALA B 148 33.16 -3.53 10.67
N ILE B 149 32.59 -4.53 10.01
CA ILE B 149 31.88 -5.61 10.71
C ILE B 149 32.81 -6.79 10.73
N HIS B 150 33.11 -7.30 11.94
CA HIS B 150 34.04 -8.40 12.15
C HIS B 150 33.25 -9.63 12.59
N ILE B 151 33.39 -10.72 11.86
CA ILE B 151 32.70 -11.97 12.18
C ILE B 151 33.74 -13.05 12.33
N VAL B 152 33.79 -13.66 13.51
CA VAL B 152 34.66 -14.80 13.76
C VAL B 152 33.84 -16.08 13.62
N LEU B 153 34.35 -17.03 12.83
CA LEU B 153 33.65 -18.28 12.56
C LEU B 153 34.57 -19.47 12.85
N PRO B 154 34.14 -20.40 13.66
CA PRO B 154 34.93 -21.63 13.79
C PRO B 154 34.92 -22.44 12.50
N GLY B 155 36.01 -23.15 12.27
CA GLY B 155 36.04 -24.01 11.10
C GLY B 155 37.43 -24.57 10.86
N ARG B 156 37.69 -24.87 9.59
CA ARG B 156 38.95 -25.50 9.22
C ARG B 156 39.43 -24.95 7.89
N PRO B 157 40.73 -24.83 7.71
CA PRO B 157 41.23 -24.42 6.40
C PRO B 157 41.05 -25.53 5.38
N MET B 158 40.80 -25.12 4.15
CA MET B 158 40.56 -26.07 3.07
C MET B 158 41.80 -26.10 2.20
N VAL C 5 -3.48 -6.24 30.32
CA VAL C 5 -4.44 -6.61 29.29
C VAL C 5 -3.72 -7.34 28.13
N HIS C 6 -4.18 -8.54 27.77
CA HIS C 6 -3.56 -9.29 26.68
C HIS C 6 -4.64 -9.80 25.73
N GLU C 7 -5.45 -8.90 25.27
CA GLU C 7 -6.55 -9.23 24.38
C GLU C 7 -6.15 -9.03 22.92
N PRO C 8 -6.75 -9.78 22.00
CA PRO C 8 -6.47 -9.54 20.58
C PRO C 8 -7.10 -8.22 20.12
N VAL C 9 -6.30 -7.40 19.44
CA VAL C 9 -6.75 -6.09 18.95
C VAL C 9 -6.56 -6.07 17.44
N ASP C 10 -7.66 -5.82 16.73
CA ASP C 10 -7.66 -5.71 15.29
C ASP C 10 -7.28 -4.28 14.92
N MET C 11 -6.05 -4.10 14.38
CA MET C 11 -5.58 -2.76 14.06
C MET C 11 -6.40 -2.08 12.97
N THR C 12 -7.02 -2.84 12.06
CA THR C 12 -7.89 -2.20 11.07
C THR C 12 -9.01 -1.43 11.75
N GLU C 13 -9.64 -2.06 12.74
CA GLU C 13 -10.71 -1.44 13.52
C GLU C 13 -10.21 -0.23 14.31
N VAL C 14 -9.04 -0.35 14.95
CA VAL C 14 -8.45 0.78 15.67
C VAL C 14 -8.25 1.94 14.72
N ILE C 15 -7.66 1.68 13.55
CA ILE C 15 -7.35 2.75 12.62
C ILE C 15 -8.62 3.37 12.09
N ASP C 16 -9.61 2.55 11.75
CA ASP C 16 -10.87 3.09 11.23
C ASP C 16 -11.58 3.97 12.24
N ARG C 17 -11.63 3.55 13.51
CA ARG C 17 -12.24 4.39 14.55
C ARG C 17 -11.50 5.71 14.69
N SER C 18 -10.17 5.65 14.64
CA SER C 18 -9.38 6.85 14.84
C SER C 18 -9.59 7.83 13.69
N LEU C 19 -9.65 7.32 12.46
CA LEU C 19 -9.85 8.17 11.30
C LEU C 19 -11.21 8.84 11.36
N GLU C 20 -12.23 8.11 11.81
CA GLU C 20 -13.56 8.70 11.92
C GLU C 20 -13.52 9.93 12.83
N ARG C 21 -12.76 9.85 13.91
CA ARG C 21 -12.64 10.98 14.83
C ARG C 21 -11.91 12.17 14.19
N VAL C 22 -10.79 11.93 13.50
CA VAL C 22 -10.04 13.06 12.96
C VAL C 22 -10.72 13.66 11.74
N ARG C 23 -11.38 12.86 10.93
CA ARG C 23 -11.91 13.50 9.73
C ARG C 23 -13.10 14.40 10.04
N ARG C 24 -13.70 14.28 11.22
CA ARG C 24 -14.80 15.19 11.57
C ARG C 24 -14.29 16.62 11.65
N ARG C 25 -13.08 16.81 12.16
CA ARG C 25 -12.52 18.12 12.39
C ARG C 25 -11.77 18.69 11.19
N ARG C 26 -11.41 17.85 10.22
CA ARG C 26 -10.68 18.31 9.04
C ARG C 26 -11.25 17.56 7.84
N SER C 27 -12.44 17.97 7.41
CA SER C 27 -13.08 17.30 6.28
C SER C 27 -12.38 17.59 4.97
N ASP C 28 -11.39 18.51 4.97
CA ASP C 28 -10.70 18.88 3.75
C ASP C 28 -9.56 17.94 3.43
N ILE C 29 -9.13 17.16 4.38
CA ILE C 29 -7.92 16.37 4.22
C ILE C 29 -8.23 15.13 3.41
N GLU C 30 -7.32 14.79 2.51
CA GLU C 30 -7.37 13.59 1.72
C GLU C 30 -6.58 12.50 2.44
N PHE C 31 -7.27 11.51 2.97
CA PHE C 31 -6.64 10.39 3.65
C PHE C 31 -6.42 9.24 2.69
N GLU C 32 -5.17 8.76 2.62
CA GLU C 32 -4.81 7.62 1.79
C GLU C 32 -4.43 6.49 2.73
N VAL C 33 -5.16 5.38 2.65
CA VAL C 33 -5.08 4.34 3.67
C VAL C 33 -4.81 3.00 2.98
N THR C 34 -3.70 2.34 3.37
CA THR C 34 -3.34 1.01 2.87
C THR C 34 -2.88 0.20 4.08
N VAL C 35 -3.80 -0.56 4.69
CA VAL C 35 -3.59 -1.20 5.99
C VAL C 35 -3.75 -2.70 5.85
N THR C 36 -2.67 -3.44 6.09
CA THR C 36 -2.74 -4.88 6.04
C THR C 36 -3.40 -5.39 7.33
N PRO C 37 -4.21 -6.45 7.25
CA PRO C 37 -4.77 -7.03 8.48
C PRO C 37 -3.68 -7.42 9.47
N TRP C 38 -3.80 -6.91 10.69
CA TRP C 38 -2.78 -7.10 11.71
C TRP C 38 -3.46 -7.13 13.08
N GLN C 39 -3.15 -8.16 13.85
CA GLN C 39 -3.62 -8.32 15.22
C GLN C 39 -2.48 -8.07 16.20
N VAL C 40 -2.71 -7.21 17.17
CA VAL C 40 -1.77 -6.90 18.25
C VAL C 40 -2.39 -7.43 19.52
N ILE C 41 -1.59 -8.08 20.34
CA ILE C 41 -2.01 -8.48 21.68
C ILE C 41 -1.84 -7.32 22.64
N GLY C 42 -2.94 -6.89 23.25
CA GLY C 42 -2.80 -5.83 24.23
C GLY C 42 -4.08 -5.11 24.57
N ASP C 43 -4.03 -3.79 24.57
CA ASP C 43 -5.05 -2.93 25.16
C ASP C 43 -5.61 -2.06 24.04
N SER C 44 -6.82 -2.39 23.59
CA SER C 44 -7.43 -1.66 22.47
C SER C 44 -7.62 -0.19 22.78
N SER C 45 -7.89 0.15 24.05
CA SER C 45 -8.09 1.56 24.39
C SER C 45 -6.79 2.35 24.22
N GLY C 46 -5.69 1.79 24.71
CA GLY C 46 -4.42 2.48 24.59
C GLY C 46 -3.93 2.58 23.15
N LEU C 47 -4.07 1.49 22.40
CA LEU C 47 -3.70 1.54 20.99
C LEU C 47 -4.52 2.57 20.24
N GLY C 48 -5.81 2.66 20.54
CA GLY C 48 -6.63 3.67 19.89
C GLY C 48 -6.19 5.07 20.24
N ARG C 49 -5.83 5.29 21.51
CA ARG C 49 -5.31 6.58 21.94
C ARG C 49 -4.02 6.92 21.21
N ALA C 50 -3.15 5.92 21.02
CA ALA C 50 -1.85 6.16 20.38
C ALA C 50 -2.08 6.52 18.92
N VAL C 51 -2.94 5.77 18.24
CA VAL C 51 -3.16 6.03 16.83
C VAL C 51 -3.86 7.37 16.63
N LEU C 52 -4.91 7.65 17.43
CA LEU C 52 -5.64 8.91 17.32
C LEU C 52 -4.73 10.11 17.60
N ASN C 53 -3.84 10.00 18.59
CA ASN C 53 -2.96 11.11 18.89
C ASN C 53 -2.01 11.40 17.74
N VAL C 54 -1.58 10.35 17.04
CA VAL C 54 -0.68 10.56 15.91
C VAL C 54 -1.46 11.16 14.74
N LEU C 55 -2.65 10.63 14.45
CA LEU C 55 -3.48 11.18 13.40
C LEU C 55 -3.91 12.61 13.70
N ASP C 56 -4.25 12.91 14.97
CA ASP C 56 -4.57 14.28 15.35
C ASP C 56 -3.46 15.24 14.98
N ASN C 57 -2.21 14.87 15.26
CA ASN C 57 -1.08 15.72 14.90
C ASN C 57 -0.98 15.88 13.39
N ALA C 58 -1.07 14.77 12.66
CA ALA C 58 -0.97 14.84 11.21
C ALA C 58 -2.04 15.75 10.63
N ALA C 59 -3.24 15.73 11.20
CA ALA C 59 -4.30 16.60 10.72
C ALA C 59 -4.03 18.05 11.10
N LYS C 60 -3.67 18.28 12.36
CA LYS C 60 -3.42 19.62 12.85
C LYS C 60 -2.37 20.34 11.99
N TRP C 61 -1.28 19.66 11.67
CA TRP C 61 -0.21 20.23 10.90
C TRP C 61 -0.40 20.08 9.39
N SER C 62 -1.52 19.53 8.93
CA SER C 62 -1.79 19.47 7.49
C SER C 62 -2.15 20.84 6.94
N PRO C 63 -1.62 21.22 5.79
CA PRO C 63 -2.11 22.44 5.12
C PRO C 63 -3.52 22.22 4.60
N PRO C 64 -4.22 23.27 4.22
CA PRO C 64 -5.59 23.09 3.73
C PRO C 64 -5.59 22.18 2.51
N GLY C 65 -6.52 21.21 2.50
CA GLY C 65 -6.60 20.24 1.43
C GLY C 65 -5.45 19.26 1.39
N GLY C 66 -4.65 19.17 2.46
CA GLY C 66 -3.49 18.33 2.43
C GLY C 66 -3.83 16.85 2.48
N ARG C 67 -2.83 16.03 2.16
CA ARG C 67 -2.94 14.58 2.14
C ARG C 67 -2.26 13.97 3.36
N VAL C 68 -2.97 13.04 4.02
CA VAL C 68 -2.44 12.25 5.13
C VAL C 68 -2.44 10.79 4.70
N GLY C 69 -1.30 10.14 4.90
CA GLY C 69 -1.13 8.75 4.50
C GLY C 69 -1.09 7.90 5.75
N VAL C 70 -1.77 6.77 5.66
CA VAL C 70 -1.75 5.75 6.69
C VAL C 70 -1.44 4.42 6.04
N ARG C 71 -0.31 3.84 6.41
CA ARG C 71 0.14 2.57 5.87
C ARG C 71 0.48 1.64 7.02
N LEU C 72 0.03 0.38 6.91
CA LEU C 72 0.42 -0.67 7.83
C LEU C 72 0.81 -1.90 7.02
N TYR C 73 2.04 -2.36 7.18
CA TYR C 73 2.52 -3.49 6.40
C TYR C 73 3.42 -4.36 7.26
N GLN C 74 3.42 -5.67 6.98
CA GLN C 74 4.25 -6.61 7.75
C GLN C 74 5.71 -6.51 7.33
N ILE C 75 6.61 -6.47 8.33
CA ILE C 75 8.05 -6.38 8.07
C ILE C 75 8.82 -7.63 8.43
N ASP C 76 8.31 -8.48 9.29
CA ASP C 76 8.94 -9.76 9.57
C ASP C 76 7.85 -10.64 10.16
N PRO C 77 8.16 -11.87 10.55
CA PRO C 77 7.07 -12.78 10.95
C PRO C 77 6.23 -12.30 12.12
N GLY C 78 6.77 -11.52 13.06
CA GLY C 78 6.00 -11.06 14.20
C GLY C 78 5.91 -9.55 14.38
N HIS C 79 6.16 -8.77 13.32
CA HIS C 79 6.10 -7.32 13.45
C HIS C 79 5.54 -6.69 12.20
N ALA C 80 4.76 -5.65 12.40
CA ALA C 80 4.30 -4.78 11.34
C ALA C 80 4.68 -3.34 11.61
N GLU C 81 4.78 -2.57 10.54
CA GLU C 81 5.11 -1.16 10.64
C GLU C 81 3.92 -0.30 10.23
N LEU C 82 3.55 0.62 11.10
CA LEU C 82 2.53 1.64 10.87
C LEU C 82 3.20 2.98 10.59
N VAL C 83 2.96 3.55 9.40
CA VAL C 83 3.56 4.83 9.03
C VAL C 83 2.45 5.82 8.75
N ILE C 84 2.45 6.93 9.48
CA ILE C 84 1.44 7.98 9.31
C ILE C 84 2.17 9.23 8.85
N THR C 85 1.78 9.75 7.68
CA THR C 85 2.46 10.86 7.04
C THR C 85 1.55 12.06 6.82
N ASP C 86 2.17 13.23 6.83
CA ASP C 86 1.51 14.47 6.48
C ASP C 86 2.42 15.32 5.61
N GLN C 87 1.87 16.45 5.17
CA GLN C 87 2.54 17.42 4.33
C GLN C 87 2.78 18.74 5.08
N GLY C 88 2.96 18.67 6.38
CA GLY C 88 3.20 19.81 7.20
C GLY C 88 4.65 20.22 7.21
N PRO C 89 5.05 21.02 8.19
CA PRO C 89 6.39 21.62 8.16
C PRO C 89 7.52 20.69 8.54
N GLY C 90 7.22 19.54 9.11
CA GLY C 90 8.26 18.65 9.57
C GLY C 90 8.74 18.99 10.97
N ILE C 91 9.67 18.17 11.44
CA ILE C 91 10.28 18.30 12.76
C ILE C 91 11.80 18.33 12.59
N PRO C 92 12.50 19.31 13.16
CA PRO C 92 13.98 19.32 13.08
C PRO C 92 14.59 18.03 13.58
N PRO C 93 15.58 17.46 12.87
CA PRO C 93 16.16 16.18 13.30
C PRO C 93 16.63 16.19 14.72
N GLN C 94 17.21 17.29 15.20
CA GLN C 94 17.74 17.26 16.57
C GLN C 94 16.63 17.13 17.61
N GLU C 95 15.37 17.36 17.23
CA GLU C 95 14.25 17.24 18.14
C GLU C 95 13.47 15.92 18.00
N ARG C 96 13.96 14.97 17.20
CA ARG C 96 13.17 13.76 16.96
C ARG C 96 12.98 12.88 18.19
N HIS C 97 13.83 13.00 19.22
CA HIS C 97 13.57 12.29 20.46
C HIS C 97 12.84 13.18 21.46
N LEU C 98 13.18 14.48 21.48
CA LEU C 98 12.62 15.37 22.49
C LEU C 98 11.09 15.54 22.35
N VAL C 99 10.55 15.42 21.14
CA VAL C 99 9.13 15.65 20.94
C VAL C 99 8.26 14.61 21.63
N PHE C 100 8.83 13.48 22.05
CA PHE C 100 8.10 12.48 22.85
C PHE C 100 8.17 12.74 24.35
N GLU C 101 8.81 13.83 24.77
CA GLU C 101 8.87 14.22 26.18
C GLU C 101 7.70 15.14 26.50
N ARG C 102 7.05 14.89 27.63
CA ARG C 102 5.90 15.70 27.99
C ARG C 102 6.28 17.17 28.05
N PHE C 103 5.46 18.01 27.44
CA PHE C 103 5.54 19.46 27.39
C PHE C 103 6.60 19.98 26.40
N PHE C 104 7.37 19.12 25.76
CA PHE C 104 8.31 19.60 24.77
C PHE C 104 7.54 19.90 23.49
N ARG C 105 7.73 21.11 23.01
CA ARG C 105 7.12 21.55 21.77
C ARG C 105 8.21 22.30 21.02
N SER C 106 8.28 22.09 19.72
CA SER C 106 9.30 22.75 18.89
C SER C 106 9.04 24.24 18.78
N MET C 112 0.59 27.16 17.84
CA MET C 112 -0.35 26.08 17.58
C MET C 112 -0.96 25.64 18.90
N PRO C 113 -2.19 25.16 18.86
CA PRO C 113 -2.79 24.61 20.08
C PRO C 113 -2.06 23.35 20.53
N GLY C 114 -2.14 23.10 21.84
CA GLY C 114 -1.58 21.89 22.44
C GLY C 114 -0.59 22.19 23.55
N SER C 115 -0.51 21.32 24.56
CA SER C 115 0.47 21.49 25.63
C SER C 115 1.64 20.51 25.53
N GLY C 116 1.57 19.56 24.63
CA GLY C 116 2.66 18.65 24.42
C GLY C 116 2.52 17.38 25.22
N LEU C 117 1.29 16.85 25.37
CA LEU C 117 1.05 15.55 26.00
C LEU C 117 0.94 14.39 25.00
N GLY C 118 0.58 14.69 23.76
CA GLY C 118 0.09 13.68 22.83
C GLY C 118 1.10 12.59 22.52
N LEU C 119 2.31 12.99 22.13
CA LEU C 119 3.32 12.01 21.77
C LEU C 119 3.93 11.33 22.99
N ALA C 120 3.90 11.96 24.18
CA ALA C 120 4.34 11.21 25.35
C ALA C 120 3.39 10.06 25.62
N ILE C 121 2.08 10.29 25.41
CA ILE C 121 1.09 9.22 25.50
C ILE C 121 1.37 8.13 24.47
N VAL C 122 1.67 8.51 23.22
CA VAL C 122 1.98 7.53 22.18
C VAL C 122 3.18 6.68 22.57
N LYS C 123 4.27 7.32 23.02
CA LYS C 123 5.45 6.56 23.37
C LYS C 123 5.13 5.57 24.48
N GLN C 124 4.40 6.01 25.51
CA GLN C 124 4.14 5.09 26.61
C GLN C 124 3.35 3.88 26.13
N VAL C 125 2.35 4.08 25.28
CA VAL C 125 1.53 2.98 24.81
C VAL C 125 2.35 2.03 23.96
N VAL C 126 3.10 2.58 23.02
CA VAL C 126 3.83 1.73 22.10
C VAL C 126 4.87 0.89 22.84
N LEU C 127 5.64 1.51 23.75
CA LEU C 127 6.64 0.77 24.52
C LEU C 127 5.98 -0.29 25.39
N LYS C 128 4.80 0.01 25.95
CA LYS C 128 4.15 -0.97 26.82
C LYS C 128 3.82 -2.23 26.03
N HIS C 129 3.48 -2.08 24.75
CA HIS C 129 3.12 -3.16 23.88
C HIS C 129 4.32 -3.82 23.22
N GLY C 130 5.55 -3.44 23.58
CA GLY C 130 6.73 -4.05 23.02
C GLY C 130 7.13 -3.53 21.67
N GLY C 131 6.63 -2.37 21.31
CA GLY C 131 6.93 -1.77 20.03
C GLY C 131 8.07 -0.79 20.04
N ALA C 132 8.19 -0.09 18.90
CA ALA C 132 9.24 0.91 18.69
C ALA C 132 8.66 2.05 17.89
N LEU C 133 9.30 3.20 18.00
CA LEU C 133 8.75 4.32 17.26
C LEU C 133 9.82 5.37 17.02
N ARG C 134 9.66 6.06 15.89
CA ARG C 134 10.57 7.12 15.53
C ARG C 134 9.87 8.12 14.62
N VAL C 135 10.55 9.25 14.44
CA VAL C 135 10.10 10.34 13.58
C VAL C 135 11.06 10.49 12.41
N ASP C 136 10.50 10.75 11.23
CA ASP C 136 11.26 11.07 10.03
C ASP C 136 10.54 12.17 9.26
N TYR C 137 11.20 12.67 8.23
CA TYR C 137 10.49 13.45 7.23
C TYR C 137 9.66 12.51 6.36
N ALA C 138 8.53 13.03 5.88
CA ALA C 138 7.69 12.24 4.97
C ALA C 138 8.31 12.20 3.58
N ASP C 139 8.73 13.36 3.07
CA ASP C 139 9.44 13.45 1.80
C ASP C 139 10.60 14.43 1.97
N PRO C 140 11.82 13.95 2.19
CA PRO C 140 12.92 14.86 2.52
C PRO C 140 13.41 15.68 1.34
N ALA C 141 12.85 15.48 0.17
CA ALA C 141 13.17 16.32 -0.98
C ALA C 141 12.11 17.36 -1.27
N ALA C 142 11.00 17.36 -0.52
CA ALA C 142 9.88 18.25 -0.77
C ALA C 142 9.90 19.45 0.17
N GLN C 143 9.31 20.54 -0.31
CA GLN C 143 9.13 21.72 0.51
C GLN C 143 7.65 22.03 0.62
N PRO C 144 7.03 21.89 1.80
CA PRO C 144 7.60 21.34 3.02
C PRO C 144 7.75 19.81 2.97
N PRO C 145 8.57 19.29 3.84
CA PRO C 145 8.91 17.86 3.82
C PRO C 145 7.92 16.97 4.55
N GLY C 146 7.12 17.53 5.43
CA GLY C 146 6.18 16.75 6.19
C GLY C 146 6.84 15.91 7.27
N THR C 147 5.97 15.22 8.01
CA THR C 147 6.35 14.30 9.08
C THR C 147 5.80 12.92 8.80
N ALA C 148 6.65 11.93 9.03
CA ALA C 148 6.30 10.53 9.05
C ALA C 148 6.56 10.00 10.46
N ILE C 149 5.52 9.49 11.10
CA ILE C 149 5.66 8.75 12.35
C ILE C 149 5.70 7.28 11.99
N HIS C 150 6.77 6.57 12.39
CA HIS C 150 6.93 5.14 12.15
C HIS C 150 6.76 4.43 13.48
N ILE C 151 5.81 3.51 13.52
CA ILE C 151 5.54 2.74 14.72
C ILE C 151 5.62 1.26 14.34
N VAL C 152 6.48 0.54 15.03
CA VAL C 152 6.58 -0.92 14.87
C VAL C 152 5.75 -1.59 15.93
N LEU C 153 4.82 -2.45 15.51
CA LEU C 153 3.97 -3.18 16.47
C LEU C 153 4.23 -4.67 16.35
N PRO C 154 4.44 -5.37 17.46
CA PRO C 154 4.42 -6.82 17.38
C PRO C 154 3.00 -7.32 17.18
N GLY C 155 2.92 -8.51 16.61
CA GLY C 155 1.64 -9.10 16.35
C GLY C 155 1.72 -10.18 15.29
N ARG C 156 0.57 -10.41 14.67
CA ARG C 156 0.40 -11.50 13.70
C ARG C 156 -0.54 -11.06 12.60
N PRO C 157 -0.34 -11.55 11.37
CA PRO C 157 -1.26 -11.18 10.30
C PRO C 157 -2.60 -11.88 10.52
N MET C 158 -3.67 -11.17 10.22
CA MET C 158 -5.02 -11.71 10.43
C MET C 158 -5.54 -12.37 9.14
N VAL D 5 12.13 -29.66 -7.97
CA VAL D 5 13.15 -29.03 -7.16
C VAL D 5 12.49 -28.32 -5.97
N HIS D 6 13.24 -28.28 -4.87
CA HIS D 6 12.69 -27.86 -3.58
C HIS D 6 13.71 -26.94 -2.90
N GLU D 7 14.06 -25.87 -3.58
CA GLU D 7 15.02 -24.92 -3.05
C GLU D 7 14.30 -23.71 -2.45
N PRO D 8 14.93 -23.01 -1.52
CA PRO D 8 14.30 -21.81 -0.96
C PRO D 8 14.35 -20.66 -1.96
N VAL D 9 13.21 -20.04 -2.19
CA VAL D 9 13.07 -18.97 -3.16
C VAL D 9 12.60 -17.71 -2.44
N ASP D 10 13.41 -16.66 -2.53
CA ASP D 10 13.08 -15.37 -1.91
C ASP D 10 12.16 -14.61 -2.85
N MET D 11 10.89 -14.43 -2.46
CA MET D 11 9.94 -13.81 -3.38
C MET D 11 10.22 -12.34 -3.60
N THR D 12 10.92 -11.68 -2.67
CA THR D 12 11.27 -10.28 -2.90
C THR D 12 12.17 -10.17 -4.12
N GLU D 13 13.19 -11.03 -4.18
CA GLU D 13 14.10 -11.06 -5.33
C GLU D 13 13.37 -11.45 -6.61
N VAL D 14 12.46 -12.44 -6.55
CA VAL D 14 11.70 -12.84 -7.73
C VAL D 14 10.94 -11.66 -8.27
N ILE D 15 10.21 -10.98 -7.38
CA ILE D 15 9.39 -9.85 -7.81
C ILE D 15 10.28 -8.74 -8.35
N ASP D 16 11.38 -8.47 -7.65
CA ASP D 16 12.24 -7.36 -8.07
C ASP D 16 12.87 -7.62 -9.44
N ARG D 17 13.27 -8.84 -9.72
CA ARG D 17 13.83 -9.13 -11.03
C ARG D 17 12.77 -9.04 -12.11
N SER D 18 11.54 -9.44 -11.80
CA SER D 18 10.45 -9.41 -12.77
C SER D 18 10.05 -7.98 -13.06
N LEU D 19 10.07 -7.12 -12.03
CA LEU D 19 9.70 -5.72 -12.25
C LEU D 19 10.74 -5.03 -13.12
N GLU D 20 12.01 -5.35 -12.90
CA GLU D 20 13.08 -4.75 -13.68
C GLU D 20 12.88 -5.03 -15.15
N ARG D 21 12.44 -6.24 -15.49
CA ARG D 21 12.20 -6.59 -16.89
C ARG D 21 10.97 -5.88 -17.45
N VAL D 22 9.88 -5.81 -16.70
CA VAL D 22 8.66 -5.23 -17.23
C VAL D 22 8.76 -3.72 -17.34
N ARG D 23 9.51 -3.07 -16.46
CA ARG D 23 9.59 -1.61 -16.53
C ARG D 23 10.35 -1.17 -17.78
N ARG D 24 11.20 -2.03 -18.34
CA ARG D 24 11.88 -1.72 -19.58
C ARG D 24 10.88 -1.44 -20.69
N ARG D 25 9.81 -2.23 -20.76
CA ARG D 25 8.84 -2.12 -21.83
C ARG D 25 7.78 -1.05 -21.60
N ARG D 26 7.65 -0.52 -20.38
CA ARG D 26 6.62 0.49 -20.14
C ARG D 26 7.13 1.41 -19.04
N SER D 27 8.04 2.31 -19.42
CA SER D 27 8.66 3.23 -18.47
C SER D 27 7.66 4.25 -17.91
N ASP D 28 6.45 4.32 -18.46
CA ASP D 28 5.45 5.30 -18.04
C ASP D 28 4.62 4.81 -16.86
N ILE D 29 4.62 3.51 -16.59
CA ILE D 29 3.75 2.95 -15.56
C ILE D 29 4.37 3.22 -14.19
N GLU D 30 3.50 3.56 -13.25
CA GLU D 30 3.89 3.72 -11.86
C GLU D 30 3.59 2.43 -11.12
N PHE D 31 4.64 1.78 -10.64
CA PHE D 31 4.49 0.55 -9.87
C PHE D 31 4.49 0.87 -8.38
N GLU D 32 3.49 0.38 -7.69
CA GLU D 32 3.34 0.52 -6.23
C GLU D 32 3.53 -0.85 -5.61
N VAL D 33 4.58 -0.99 -4.83
CA VAL D 33 5.04 -2.31 -4.41
C VAL D 33 5.09 -2.35 -2.88
N THR D 34 4.36 -3.31 -2.29
CA THR D 34 4.35 -3.56 -0.84
C THR D 34 4.45 -5.07 -0.66
N VAL D 35 5.67 -5.58 -0.48
CA VAL D 35 5.95 -7.03 -0.47
C VAL D 35 6.52 -7.43 0.87
N THR D 36 5.77 -8.27 1.60
CA THR D 36 6.30 -8.78 2.84
CA THR D 36 6.25 -8.84 2.85
C THR D 36 7.32 -9.88 2.55
N PRO D 37 8.40 -9.93 3.32
CA PRO D 37 9.41 -10.98 3.09
C PRO D 37 8.79 -12.36 3.24
N TRP D 38 8.97 -13.17 2.19
CA TRP D 38 8.32 -14.46 2.05
C TRP D 38 9.26 -15.40 1.31
N GLN D 39 9.32 -16.63 1.79
CA GLN D 39 10.12 -17.68 1.18
C GLN D 39 9.21 -18.81 0.74
N VAL D 40 9.36 -19.23 -0.51
CA VAL D 40 8.63 -20.34 -1.11
C VAL D 40 9.63 -21.45 -1.38
N ILE D 41 9.24 -22.67 -1.10
CA ILE D 41 10.05 -23.82 -1.48
C ILE D 41 9.66 -24.24 -2.89
N GLY D 42 10.63 -24.22 -3.79
CA GLY D 42 10.34 -24.66 -5.14
C GLY D 42 11.38 -24.25 -6.17
N ASP D 43 10.90 -23.71 -7.29
CA ASP D 43 11.67 -23.50 -8.50
C ASP D 43 11.68 -22.02 -8.80
N SER D 44 12.82 -21.37 -8.53
CA SER D 44 12.94 -19.94 -8.76
C SER D 44 12.69 -19.57 -10.21
N SER D 45 13.13 -20.40 -11.17
CA SER D 45 12.91 -20.08 -12.57
C SER D 45 11.41 -20.07 -12.90
N GLY D 46 10.68 -21.09 -12.44
CA GLY D 46 9.25 -21.13 -12.71
C GLY D 46 8.49 -20.01 -12.02
N LEU D 47 8.81 -19.75 -10.75
CA LEU D 47 8.14 -18.68 -10.04
C LEU D 47 8.43 -17.34 -10.71
N GLY D 48 9.66 -17.12 -11.15
CA GLY D 48 9.97 -15.90 -11.88
C GLY D 48 9.17 -15.76 -13.16
N ARG D 49 9.06 -16.85 -13.91
CA ARG D 49 8.24 -16.86 -15.11
C ARG D 49 6.78 -16.55 -14.81
N ALA D 50 6.25 -17.08 -13.68
CA ALA D 50 4.85 -16.85 -13.37
C ALA D 50 4.62 -15.40 -13.03
N VAL D 51 5.47 -14.83 -12.17
CA VAL D 51 5.28 -13.44 -11.80
C VAL D 51 5.47 -12.54 -13.01
N LEU D 52 6.51 -12.79 -13.82
CA LEU D 52 6.76 -11.92 -14.98
C LEU D 52 5.57 -11.98 -15.94
N ASN D 53 4.98 -13.14 -16.14
CA ASN D 53 3.88 -13.25 -17.08
C ASN D 53 2.68 -12.46 -16.58
N VAL D 54 2.48 -12.42 -15.27
CA VAL D 54 1.34 -11.67 -14.73
C VAL D 54 1.62 -10.17 -14.82
N LEU D 55 2.85 -9.74 -14.49
CA LEU D 55 3.21 -8.33 -14.61
C LEU D 55 3.21 -7.87 -16.06
N ASP D 56 3.62 -8.75 -16.98
CA ASP D 56 3.59 -8.41 -18.40
C ASP D 56 2.16 -8.08 -18.84
N ASN D 57 1.20 -8.90 -18.41
CA ASN D 57 -0.21 -8.62 -18.73
C ASN D 57 -0.67 -7.31 -18.11
N ALA D 58 -0.37 -7.08 -16.83
CA ALA D 58 -0.79 -5.86 -16.16
C ALA D 58 -0.24 -4.65 -16.89
N ALA D 59 1.03 -4.72 -17.33
CA ALA D 59 1.62 -3.59 -18.06
C ALA D 59 1.00 -3.44 -19.43
N LYS D 60 0.83 -4.54 -20.17
CA LYS D 60 0.29 -4.49 -21.52
C LYS D 60 -1.11 -3.85 -21.57
N TRP D 61 -1.96 -4.19 -20.60
CA TRP D 61 -3.32 -3.66 -20.51
C TRP D 61 -3.40 -2.38 -19.68
N SER D 62 -2.26 -1.83 -19.26
CA SER D 62 -2.26 -0.58 -18.53
C SER D 62 -2.48 0.60 -19.47
N PRO D 63 -3.33 1.56 -19.10
CA PRO D 63 -3.44 2.80 -19.88
C PRO D 63 -2.18 3.61 -19.76
N PRO D 64 -2.00 4.64 -20.57
CA PRO D 64 -0.75 5.39 -20.51
C PRO D 64 -0.64 6.10 -19.16
N GLY D 65 0.52 5.95 -18.55
CA GLY D 65 0.78 6.46 -17.22
C GLY D 65 -0.01 5.77 -16.14
N GLY D 66 -0.53 4.58 -16.41
CA GLY D 66 -1.32 3.88 -15.42
C GLY D 66 -0.49 3.35 -14.26
N ARG D 67 -1.23 2.94 -13.21
CA ARG D 67 -0.63 2.43 -11.98
C ARG D 67 -0.81 0.93 -11.91
N VAL D 68 0.28 0.22 -11.59
CA VAL D 68 0.21 -1.22 -11.35
C VAL D 68 0.62 -1.49 -9.91
N GLY D 69 -0.22 -2.25 -9.21
CA GLY D 69 -0.01 -2.56 -7.81
C GLY D 69 0.54 -3.96 -7.69
N VAL D 70 1.53 -4.10 -6.81
CA VAL D 70 2.12 -5.41 -6.47
C VAL D 70 2.15 -5.54 -4.95
N ARG D 71 1.34 -6.42 -4.42
CA ARG D 71 1.21 -6.58 -2.97
C ARG D 71 1.43 -8.04 -2.61
N LEU D 72 2.29 -8.31 -1.62
CA LEU D 72 2.42 -9.65 -1.08
C LEU D 72 2.26 -9.56 0.42
N TYR D 73 1.29 -10.28 0.96
CA TYR D 73 1.00 -10.25 2.40
C TYR D 73 0.69 -11.67 2.88
N GLN D 74 0.93 -11.89 4.17
CA GLN D 74 0.73 -13.21 4.76
C GLN D 74 -0.74 -13.37 5.16
N ILE D 75 -1.33 -14.50 4.79
CA ILE D 75 -2.73 -14.75 5.11
C ILE D 75 -2.94 -15.82 6.18
N ASP D 76 -1.98 -16.69 6.41
CA ASP D 76 -2.08 -17.62 7.53
C ASP D 76 -0.67 -18.17 7.78
N PRO D 77 -0.45 -19.01 8.78
CA PRO D 77 0.92 -19.33 9.13
C PRO D 77 1.76 -19.88 7.98
N GLY D 78 1.14 -20.57 7.01
CA GLY D 78 1.86 -21.20 5.92
C GLY D 78 1.54 -20.71 4.53
N HIS D 79 0.87 -19.56 4.37
CA HIS D 79 0.50 -19.09 3.06
C HIS D 79 0.57 -17.57 2.98
N ALA D 80 0.93 -17.08 1.80
CA ALA D 80 0.89 -15.66 1.50
C ALA D 80 0.12 -15.46 0.21
N GLU D 81 -0.38 -14.25 0.03
CA GLU D 81 -1.11 -13.90 -1.17
C GLU D 81 -0.39 -12.77 -1.89
N LEU D 82 -0.15 -12.98 -3.18
CA LEU D 82 0.38 -11.98 -4.11
C LEU D 82 -0.75 -11.46 -5.00
N VAL D 83 -0.98 -10.16 -4.94
CA VAL D 83 -2.05 -9.54 -5.72
C VAL D 83 -1.42 -8.52 -6.68
N ILE D 84 -1.61 -8.73 -7.95
CA ILE D 84 -1.10 -7.80 -8.96
C ILE D 84 -2.30 -7.15 -9.64
N THR D 85 -2.35 -5.82 -9.61
CA THR D 85 -3.47 -5.00 -10.08
C THR D 85 -3.08 -4.04 -11.18
N ASP D 86 -4.04 -3.75 -12.04
CA ASP D 86 -3.88 -2.74 -13.10
C ASP D 86 -5.16 -1.96 -13.23
N GLN D 87 -5.12 -0.97 -14.11
CA GLN D 87 -6.22 -0.06 -14.39
C GLN D 87 -6.73 -0.25 -15.81
N GLY D 88 -6.61 -1.47 -16.32
CA GLY D 88 -7.02 -1.82 -17.65
C GLY D 88 -8.50 -2.13 -17.72
N PRO D 89 -8.92 -2.80 -18.79
CA PRO D 89 -10.36 -2.98 -19.05
C PRO D 89 -11.03 -4.02 -18.18
N GLY D 90 -10.26 -4.85 -17.51
CA GLY D 90 -10.79 -5.96 -16.76
C GLY D 90 -11.11 -7.15 -17.63
N ILE D 91 -11.60 -8.21 -16.98
CA ILE D 91 -11.94 -9.47 -17.62
C ILE D 91 -13.38 -9.81 -17.23
N PRO D 92 -14.28 -10.10 -18.18
CA PRO D 92 -15.65 -10.47 -17.81
C PRO D 92 -15.68 -11.66 -16.88
N PRO D 93 -16.55 -11.64 -15.86
CA PRO D 93 -16.57 -12.72 -14.89
C PRO D 93 -16.72 -14.10 -15.49
N GLN D 94 -17.53 -14.26 -16.54
CA GLN D 94 -17.72 -15.59 -17.09
C GLN D 94 -16.45 -16.17 -17.71
N GLU D 95 -15.42 -15.35 -17.93
CA GLU D 95 -14.15 -15.83 -18.51
C GLU D 95 -13.02 -15.99 -17.50
N ARG D 96 -13.31 -15.85 -16.19
CA ARG D 96 -12.23 -15.87 -15.19
C ARG D 96 -11.53 -17.21 -15.07
N HIS D 97 -12.16 -18.30 -15.50
CA HIS D 97 -11.47 -19.59 -15.55
C HIS D 97 -10.87 -19.87 -16.92
N LEU D 98 -11.61 -19.52 -17.98
CA LEU D 98 -11.16 -19.78 -19.35
C LEU D 98 -9.85 -19.07 -19.70
N VAL D 99 -9.57 -17.89 -19.12
CA VAL D 99 -8.38 -17.16 -19.53
C VAL D 99 -7.11 -17.90 -19.15
N PHE D 100 -7.17 -18.91 -18.26
CA PHE D 100 -6.02 -19.74 -17.92
C PHE D 100 -5.83 -20.92 -18.85
N GLU D 101 -6.71 -21.08 -19.84
CA GLU D 101 -6.57 -22.12 -20.85
C GLU D 101 -5.71 -21.61 -22.00
N ARG D 102 -4.82 -22.48 -22.45
CA ARG D 102 -3.94 -22.11 -23.55
C ARG D 102 -4.76 -21.71 -24.76
N PHE D 103 -4.41 -20.57 -25.35
CA PHE D 103 -4.98 -20.00 -26.54
C PHE D 103 -6.31 -19.27 -26.30
N PHE D 104 -6.92 -19.36 -25.14
CA PHE D 104 -8.13 -18.60 -24.90
C PHE D 104 -7.77 -17.13 -24.69
N ARG D 105 -8.38 -16.29 -25.48
CA ARG D 105 -8.24 -14.84 -25.34
C ARG D 105 -9.63 -14.25 -25.40
N SER D 106 -9.87 -13.24 -24.57
CA SER D 106 -11.17 -12.60 -24.53
C SER D 106 -11.42 -11.81 -25.81
N ALA D 107 -12.70 -11.61 -26.10
CA ALA D 107 -13.13 -10.96 -27.35
C ALA D 107 -12.33 -9.69 -27.63
N SER D 108 -12.23 -8.81 -26.63
CA SER D 108 -11.63 -7.48 -26.80
C SER D 108 -10.11 -7.50 -26.87
N ALA D 109 -9.47 -8.64 -26.68
CA ALA D 109 -8.02 -8.75 -26.78
C ALA D 109 -7.56 -8.99 -28.21
N ARG D 110 -8.48 -9.02 -29.18
CA ARG D 110 -8.13 -9.45 -30.53
C ARG D 110 -7.03 -8.56 -31.12
N SER D 111 -7.11 -7.26 -30.86
CA SER D 111 -6.17 -6.30 -31.41
C SER D 111 -4.90 -6.18 -30.58
N MET D 112 -4.77 -6.96 -29.46
CA MET D 112 -3.57 -6.90 -28.65
C MET D 112 -2.61 -8.03 -29.03
N PRO D 113 -1.31 -7.82 -28.89
CA PRO D 113 -0.36 -8.91 -29.14
C PRO D 113 -0.58 -10.03 -28.15
N GLY D 114 -0.17 -11.23 -28.55
CA GLY D 114 -0.22 -12.40 -27.68
C GLY D 114 -1.01 -13.52 -28.30
N SER D 115 -0.66 -14.76 -27.98
CA SER D 115 -1.40 -15.93 -28.45
C SER D 115 -2.17 -16.63 -27.34
N GLY D 116 -2.02 -16.18 -26.11
CA GLY D 116 -2.72 -16.75 -24.99
C GLY D 116 -1.99 -17.92 -24.36
N LEU D 117 -0.65 -17.85 -24.25
CA LEU D 117 0.11 -18.86 -23.50
C LEU D 117 0.39 -18.47 -22.04
N GLY D 118 0.41 -17.17 -21.77
CA GLY D 118 0.99 -16.66 -20.54
C GLY D 118 0.32 -17.16 -19.28
N LEU D 119 -1.01 -17.05 -19.20
CA LEU D 119 -1.70 -17.44 -17.97
C LEU D 119 -1.75 -18.95 -17.81
N ALA D 120 -1.71 -19.71 -18.92
CA ALA D 120 -1.59 -21.15 -18.78
C ALA D 120 -0.26 -21.53 -18.13
N ILE D 121 0.81 -20.82 -18.48
CA ILE D 121 2.11 -21.01 -17.85
C ILE D 121 2.00 -20.67 -16.36
N VAL D 122 1.35 -19.54 -16.03
CA VAL D 122 1.19 -19.13 -14.63
C VAL D 122 0.46 -20.20 -13.84
N LYS D 123 -0.65 -20.71 -14.39
CA LYS D 123 -1.41 -21.72 -13.67
C LYS D 123 -0.58 -22.96 -13.43
N GLN D 124 0.14 -23.43 -14.46
CA GLN D 124 0.93 -24.64 -14.26
C GLN D 124 1.97 -24.44 -13.14
N VAL D 125 2.65 -23.30 -13.12
CA VAL D 125 3.67 -23.07 -12.08
C VAL D 125 3.02 -22.98 -10.71
N VAL D 126 1.97 -22.19 -10.58
CA VAL D 126 1.37 -21.99 -9.27
C VAL D 126 0.83 -23.31 -8.71
N LEU D 127 0.13 -24.09 -9.53
CA LEU D 127 -0.41 -25.34 -9.02
C LEU D 127 0.69 -26.32 -8.68
N LYS D 128 1.80 -26.31 -9.42
CA LYS D 128 2.89 -27.23 -9.12
C LYS D 128 3.49 -26.93 -7.77
N HIS D 129 3.45 -25.66 -7.34
CA HIS D 129 3.96 -25.23 -6.05
C HIS D 129 2.95 -25.37 -4.93
N GLY D 130 1.78 -25.95 -5.20
CA GLY D 130 0.77 -26.12 -4.19
C GLY D 130 -0.06 -24.90 -3.93
N GLY D 131 -0.03 -23.92 -4.83
CA GLY D 131 -0.77 -22.70 -4.66
C GLY D 131 -2.12 -22.71 -5.31
N ALA D 132 -2.72 -21.51 -5.32
CA ALA D 132 -4.05 -21.29 -5.88
C ALA D 132 -4.03 -19.94 -6.59
N LEU D 133 -4.97 -19.75 -7.51
CA LEU D 133 -4.99 -18.46 -8.19
C LEU D 133 -6.38 -18.18 -8.74
N ARG D 134 -6.67 -16.89 -8.87
CA ARG D 134 -7.97 -16.46 -9.36
C ARG D 134 -7.84 -15.05 -9.92
N VAL D 135 -8.90 -14.65 -10.63
CA VAL D 135 -9.01 -13.36 -11.27
C VAL D 135 -10.15 -12.59 -10.65
N ASP D 136 -9.94 -11.29 -10.43
CA ASP D 136 -11.01 -10.42 -9.99
C ASP D 136 -10.85 -9.08 -10.70
N TYR D 137 -11.84 -8.22 -10.50
CA TYR D 137 -11.65 -6.81 -10.81
C TYR D 137 -10.74 -6.18 -9.76
N ALA D 138 -9.99 -5.18 -10.17
CA ALA D 138 -9.17 -4.41 -9.22
C ALA D 138 -10.03 -3.48 -8.39
N ASP D 139 -10.88 -2.69 -9.05
CA ASP D 139 -11.83 -1.81 -8.36
C ASP D 139 -13.18 -1.93 -9.07
N PRO D 140 -14.12 -2.73 -8.53
CA PRO D 140 -15.37 -2.98 -9.24
C PRO D 140 -16.32 -1.79 -9.27
N ALA D 141 -15.98 -0.70 -8.61
CA ALA D 141 -16.76 0.53 -8.71
C ALA D 141 -16.16 1.52 -9.69
N ALA D 142 -14.99 1.23 -10.26
CA ALA D 142 -14.31 2.16 -11.13
C ALA D 142 -14.52 1.86 -12.60
N GLN D 143 -14.41 2.91 -13.41
CA GLN D 143 -14.47 2.78 -14.86
C GLN D 143 -13.16 3.28 -15.44
N PRO D 144 -12.29 2.43 -15.99
CA PRO D 144 -12.45 0.97 -16.02
C PRO D 144 -12.08 0.31 -14.68
N PRO D 145 -12.52 -0.94 -14.50
CA PRO D 145 -12.37 -1.59 -13.20
C PRO D 145 -11.01 -2.25 -12.99
N GLY D 146 -10.25 -2.46 -14.04
CA GLY D 146 -8.97 -3.12 -13.92
C GLY D 146 -9.07 -4.60 -13.62
N THR D 147 -7.91 -5.23 -13.57
CA THR D 147 -7.74 -6.64 -13.23
C THR D 147 -6.83 -6.79 -12.02
N ALA D 148 -7.26 -7.69 -11.15
CA ALA D 148 -6.48 -8.16 -10.03
C ALA D 148 -6.24 -9.65 -10.22
N ILE D 149 -4.99 -10.04 -10.24
CA ILE D 149 -4.63 -11.45 -10.21
C ILE D 149 -4.21 -11.77 -8.77
N HIS D 150 -4.85 -12.78 -8.16
CA HIS D 150 -4.59 -13.21 -6.80
C HIS D 150 -3.92 -14.57 -6.85
N ILE D 151 -2.73 -14.65 -6.29
CA ILE D 151 -1.96 -15.89 -6.27
C ILE D 151 -1.67 -16.20 -4.81
N VAL D 152 -2.11 -17.35 -4.36
CA VAL D 152 -1.74 -17.87 -3.05
C VAL D 152 -0.56 -18.79 -3.19
N LEU D 153 0.48 -18.55 -2.39
CA LEU D 153 1.60 -19.47 -2.40
C LEU D 153 1.94 -19.93 -0.99
N PRO D 154 2.21 -21.21 -0.83
CA PRO D 154 2.66 -21.70 0.47
C PRO D 154 4.09 -21.26 0.72
N GLY D 155 4.47 -21.25 1.98
CA GLY D 155 5.81 -20.82 2.34
C GLY D 155 5.89 -20.39 3.80
N ARG D 156 6.85 -19.52 4.06
CA ARG D 156 7.10 -19.03 5.41
C ARG D 156 7.55 -17.59 5.36
N PRO D 157 7.17 -16.77 6.34
CA PRO D 157 7.64 -15.39 6.40
C PRO D 157 9.11 -15.36 6.77
N MET D 158 9.82 -14.37 6.23
CA MET D 158 11.24 -14.21 6.50
C MET D 158 11.52 -12.91 7.25
#